data_8EI9
#
_entry.id   8EI9
#
_cell.length_a   87.035
_cell.length_b   95.318
_cell.length_c   166.723
_cell.angle_alpha   90.000
_cell.angle_beta   90.000
_cell.angle_gamma   90.000
#
_symmetry.space_group_name_H-M   'P 21 21 21'
#
loop_
_entity.id
_entity.type
_entity.pdbx_description
1 polymer H332
2 polymer 'Catenin beta-1'
3 polymer 'E3 ubiquitin-protein ligase Mdm2'
4 non-polymer "N,N'-(1,4-phenylene)diacetamide"
#
loop_
_entity_poly.entity_id
_entity_poly.type
_entity_poly.pdbx_seq_one_letter_code
_entity_poly.pdbx_strand_id
1 'polypeptide(L)' (ACE)PISAANDCFKAAWQCIIWLHQ(NH2) C
2 'polypeptide(L)'
;GHAVVNLINYQDDAELATRAIPELTKLLNDEDQVVVNKAAVMVHQLSKKEASRHAIMRSPQMVSAIVRTMQNTNDVETAR
CTAGTLHNLSHHREGLLAIFKSGGIPALVKMLGSPVDSVLFYAITTLHNLLLHQEGAKMAVRLAGGLQKMVALLNKTNVK
FLAITTDCLQILAYGNQESKLIILASGGPQALVNIMRTYTYEKLLWTTSRVLKVLSVCSSNKPAIVEAGGMQALGLHLTD
PSQRLVQNCLWTLRNLSDAATKQEGMEGLLGTLVQLLGSDDINVVTCAAGILSNLTCNNYKNKMMVCQVGGIEALVRTVL
RAGDREDITEPAICALRHLTSRHQEAEMAQNAVRLHYGLPVVVKLLHPPSHWPLIKATVGLIRNLALCPANHAPLREQGA
IPRLVQLLVRAHQDTQRRTSMGGTQQQFVEGVRMEEIVEGCTGALHILARDVHNRIVIRGLNTIPLFVQLLYSPIENIQR
VAAGVLCELAQDKEAAEAIEAEGATAPLTELLHSRNEGVATYAAAVLFRMSED
;
A
3 'polypeptide(L)'
;SQIPASEQETLVRPKPLLLKLLKSVGAQKDTYTMKEVLFYLGQYIMTKRLYDEKQQHIVYCSNDLLGDLFGVPSFSVKEH
RKIYTMIYRNLVVVN
;
B
#
# COMPACT_ATOMS: atom_id res chain seq x y z
N ALA A 6 34.76 -28.80 -28.12
CA ALA A 6 35.65 -29.35 -27.11
C ALA A 6 35.75 -28.41 -25.90
N ASN A 7 35.25 -27.19 -26.06
CA ASN A 7 35.27 -26.21 -25.00
C ASN A 7 33.99 -25.40 -24.89
N ASP A 8 33.01 -25.61 -25.78
CA ASP A 8 31.78 -24.82 -25.76
C ASP A 8 30.70 -25.43 -24.89
N CYS A 9 30.55 -26.76 -24.91
CA CYS A 9 29.55 -27.39 -24.05
C CYS A 9 29.90 -27.31 -22.57
N PHE A 10 31.12 -26.91 -22.23
CA PHE A 10 31.44 -26.60 -20.85
C PHE A 10 31.10 -25.14 -20.51
N LYS A 11 31.51 -24.21 -21.36
CA LYS A 11 31.27 -22.80 -21.10
C LYS A 11 29.79 -22.50 -20.98
N ALA A 12 28.98 -23.03 -21.90
CA ALA A 12 27.55 -22.79 -21.89
C ALA A 12 26.85 -23.46 -20.70
N ALA A 13 27.53 -24.37 -20.00
CA ALA A 13 26.97 -25.02 -18.83
C ALA A 13 27.15 -24.20 -17.57
N TRP A 14 28.34 -23.60 -17.39
CA TRP A 14 28.59 -22.80 -16.19
C TRP A 14 27.84 -21.48 -16.25
N GLN A 15 27.81 -20.83 -17.41
CA GLN A 15 27.02 -19.60 -17.50
C GLN A 15 25.52 -19.86 -17.41
N CYS A 16 25.14 -21.09 -17.09
CA CYS A 16 23.79 -21.43 -16.66
C CYS A 16 23.72 -21.87 -15.21
N ILE A 17 24.83 -22.32 -14.63
CA ILE A 17 24.85 -22.57 -13.19
C ILE A 17 25.07 -21.28 -12.43
N ILE A 18 25.72 -20.30 -13.05
CA ILE A 18 25.89 -18.97 -12.47
C ILE A 18 24.56 -18.24 -12.61
N TRP A 19 23.61 -18.87 -13.33
CA TRP A 19 22.37 -18.17 -13.60
C TRP A 19 21.72 -17.91 -12.24
N LEU A 20 21.74 -18.96 -11.41
CA LEU A 20 20.93 -19.15 -10.24
C LEU A 20 21.54 -18.49 -9.01
N HIS A 21 22.79 -18.06 -9.11
CA HIS A 21 23.42 -17.14 -8.16
C HIS A 21 23.84 -17.95 -6.94
N GLN A 22 23.07 -17.74 -5.88
CA GLN A 22 23.38 -18.11 -4.50
C GLN A 22 24.85 -18.33 -4.30
N LEU B 16 -43.87 43.24 23.74
CA LEU B 16 -43.33 44.60 23.77
C LEU B 16 -43.97 45.46 22.69
N ALA B 17 -43.15 46.07 21.83
CA ALA B 17 -43.63 47.06 20.90
C ALA B 17 -42.97 46.91 19.54
N THR B 18 -43.76 47.19 18.49
CA THR B 18 -43.24 47.32 17.13
C THR B 18 -43.35 48.80 16.79
N ARG B 19 -44.32 49.21 15.97
CA ARG B 19 -44.70 50.61 15.80
C ARG B 19 -43.56 51.49 15.32
N ALA B 20 -42.57 50.91 14.65
CA ALA B 20 -41.41 51.70 14.19
C ALA B 20 -40.68 51.02 13.05
N ILE B 21 -41.07 49.80 12.71
CA ILE B 21 -40.40 49.03 11.66
C ILE B 21 -40.65 49.64 10.28
N PRO B 22 -41.89 50.00 9.91
CA PRO B 22 -42.04 50.70 8.62
C PRO B 22 -41.34 52.04 8.58
N GLU B 23 -41.31 52.75 9.71
CA GLU B 23 -40.46 53.93 9.85
C GLU B 23 -39.01 53.59 9.52
N LEU B 24 -38.54 52.45 10.01
CA LEU B 24 -37.16 52.03 9.76
C LEU B 24 -36.99 51.31 8.43
N THR B 25 -38.08 50.79 7.86
CA THR B 25 -37.99 50.06 6.59
C THR B 25 -37.42 50.94 5.49
N LYS B 26 -37.88 52.18 5.39
CA LYS B 26 -37.39 53.11 4.39
C LYS B 26 -36.14 53.86 4.85
N LEU B 27 -35.91 53.98 6.15
CA LEU B 27 -34.79 54.77 6.65
C LEU B 27 -33.45 54.12 6.29
N LEU B 28 -33.42 52.80 6.16
CA LEU B 28 -32.20 52.14 5.69
C LEU B 28 -31.95 52.41 4.21
N ASN B 29 -33.02 52.61 3.44
CA ASN B 29 -32.90 52.93 2.02
C ASN B 29 -32.67 54.41 1.77
N ASP B 30 -32.45 55.20 2.82
CA ASP B 30 -32.18 56.62 2.65
C ASP B 30 -30.87 56.81 1.89
N GLU B 31 -30.91 57.67 0.87
CA GLU B 31 -29.74 57.88 0.01
C GLU B 31 -28.60 58.59 0.73
N ASP B 32 -28.82 59.09 1.94
CA ASP B 32 -27.77 59.70 2.73
C ASP B 32 -27.06 58.61 3.51
N GLN B 33 -25.84 58.28 3.10
CA GLN B 33 -25.10 57.16 3.68
C GLN B 33 -24.50 57.51 5.04
N VAL B 34 -25.08 58.50 5.71
CA VAL B 34 -24.75 58.82 7.09
C VAL B 34 -25.91 58.53 8.02
N VAL B 35 -27.15 58.78 7.56
CA VAL B 35 -28.32 58.43 8.34
C VAL B 35 -28.48 56.92 8.43
N VAL B 36 -28.05 56.19 7.39
CA VAL B 36 -28.11 54.74 7.41
C VAL B 36 -27.27 54.19 8.56
N ASN B 37 -26.10 54.78 8.79
CA ASN B 37 -25.29 54.39 9.93
C ASN B 37 -26.00 54.70 11.24
N LYS B 38 -26.66 55.86 11.31
CA LYS B 38 -27.45 56.23 12.49
C LYS B 38 -28.79 55.52 12.54
N ALA B 39 -29.10 54.67 11.56
CA ALA B 39 -30.33 53.89 11.54
C ALA B 39 -30.10 52.43 11.93
N ALA B 40 -29.11 51.78 11.32
CA ALA B 40 -28.78 50.41 11.69
C ALA B 40 -28.09 50.31 13.05
N VAL B 41 -27.71 51.45 13.64
CA VAL B 41 -27.06 51.41 14.95
C VAL B 41 -28.00 50.90 16.02
N MET B 42 -29.31 51.15 15.87
CA MET B 42 -30.30 50.67 16.84
C MET B 42 -30.96 49.37 16.42
N VAL B 43 -30.99 49.06 15.13
CA VAL B 43 -31.59 47.80 14.68
C VAL B 43 -30.84 46.62 15.26
N HIS B 44 -29.51 46.64 15.17
CA HIS B 44 -28.71 45.60 15.81
C HIS B 44 -28.89 45.63 17.33
N GLN B 45 -29.08 46.81 17.91
CA GLN B 45 -29.31 46.91 19.34
C GLN B 45 -30.72 46.45 19.70
N LEU B 46 -31.71 46.79 18.87
CA LEU B 46 -33.09 46.40 19.13
C LEU B 46 -33.34 44.94 18.79
N SER B 47 -32.46 44.30 18.03
CA SER B 47 -32.55 42.86 17.77
C SER B 47 -32.03 42.03 18.94
N LYS B 48 -31.46 42.67 19.96
CA LYS B 48 -30.85 41.94 21.07
C LYS B 48 -31.90 41.22 21.90
N LYS B 49 -33.06 41.83 22.08
CA LYS B 49 -34.11 41.25 22.90
C LYS B 49 -34.92 40.23 22.10
N GLU B 50 -35.34 39.16 22.77
CA GLU B 50 -36.17 38.15 22.11
C GLU B 50 -37.48 38.74 21.60
N ALA B 51 -38.02 39.72 22.31
CA ALA B 51 -39.32 40.30 21.98
C ALA B 51 -39.29 41.00 20.62
N SER B 52 -38.53 42.10 20.53
CA SER B 52 -38.46 42.85 19.28
C SER B 52 -37.83 42.04 18.16
N ARG B 53 -37.15 40.94 18.48
CA ARG B 53 -36.57 40.09 17.46
C ARG B 53 -37.66 39.48 16.57
N HIS B 54 -38.79 39.10 17.17
CA HIS B 54 -39.88 38.51 16.41
C HIS B 54 -40.50 39.51 15.45
N ALA B 55 -40.41 40.81 15.75
CA ALA B 55 -41.00 41.83 14.88
C ALA B 55 -40.24 41.94 13.56
N ILE B 56 -38.91 41.97 13.64
CA ILE B 56 -38.09 42.08 12.42
C ILE B 56 -38.28 40.85 11.54
N MET B 57 -38.39 39.68 12.16
CA MET B 57 -38.51 38.43 11.40
C MET B 57 -39.83 38.37 10.62
N ARG B 58 -40.90 38.91 11.19
CA ARG B 58 -42.21 38.91 10.55
C ARG B 58 -42.36 40.01 9.51
N SER B 59 -41.33 40.83 9.28
CA SER B 59 -41.38 41.94 8.32
C SER B 59 -40.35 41.69 7.23
N PRO B 60 -40.69 40.89 6.20
CA PRO B 60 -39.77 40.71 5.08
C PRO B 60 -39.48 41.99 4.31
N GLN B 61 -40.24 43.06 4.54
CA GLN B 61 -39.88 44.36 3.98
C GLN B 61 -38.75 45.03 4.75
N MET B 62 -38.55 44.64 6.02
CA MET B 62 -37.45 45.17 6.81
C MET B 62 -36.14 44.44 6.50
N VAL B 63 -36.18 43.10 6.49
CA VAL B 63 -34.97 42.33 6.23
C VAL B 63 -34.49 42.54 4.79
N SER B 64 -35.40 42.74 3.85
CA SER B 64 -35.03 42.99 2.46
C SER B 64 -34.25 44.29 2.29
N ALA B 65 -34.15 45.12 3.33
CA ALA B 65 -33.30 46.30 3.30
C ALA B 65 -31.97 46.09 4.02
N ILE B 66 -31.94 45.22 5.03
CA ILE B 66 -30.68 44.92 5.72
C ILE B 66 -29.73 44.18 4.78
N VAL B 67 -30.26 43.27 3.96
CA VAL B 67 -29.43 42.54 3.01
C VAL B 67 -28.79 43.50 2.02
N ARG B 68 -29.56 44.47 1.53
CA ARG B 68 -29.03 45.43 0.56
C ARG B 68 -27.96 46.31 1.19
N THR B 69 -28.16 46.73 2.44
CA THR B 69 -27.16 47.54 3.11
C THR B 69 -25.86 46.78 3.39
N MET B 70 -25.90 45.45 3.33
CA MET B 70 -24.67 44.68 3.49
C MET B 70 -23.87 44.64 2.20
N GLN B 71 -24.51 44.23 1.10
CA GLN B 71 -23.86 44.14 -0.20
C GLN B 71 -23.74 45.48 -0.91
N ASN B 72 -23.99 46.59 -0.20
CA ASN B 72 -23.86 47.92 -0.80
C ASN B 72 -23.59 48.96 0.27
N THR B 73 -22.44 48.87 0.93
CA THR B 73 -22.04 49.84 1.95
C THR B 73 -20.54 50.05 1.87
N ASN B 74 -20.11 51.26 2.27
CA ASN B 74 -18.70 51.60 2.38
C ASN B 74 -18.26 51.81 3.81
N ASP B 75 -19.18 51.76 4.76
CA ASP B 75 -18.88 51.97 6.17
C ASP B 75 -18.49 50.64 6.82
N VAL B 76 -18.12 50.70 8.10
CA VAL B 76 -17.75 49.52 8.87
C VAL B 76 -18.78 49.22 9.95
N GLU B 77 -19.27 50.24 10.65
CA GLU B 77 -20.28 50.01 11.68
C GLU B 77 -21.60 49.54 11.09
N THR B 78 -21.92 49.99 9.87
CA THR B 78 -23.12 49.48 9.19
C THR B 78 -22.96 48.01 8.86
N ALA B 79 -21.80 47.63 8.31
CA ALA B 79 -21.56 46.23 7.97
C ALA B 79 -21.56 45.34 9.20
N ARG B 80 -21.09 45.86 10.33
CA ARG B 80 -21.08 45.07 11.56
C ARG B 80 -22.48 45.00 12.17
N CYS B 81 -23.23 46.10 12.15
CA CYS B 81 -24.57 46.11 12.72
C CYS B 81 -25.54 45.30 11.88
N THR B 82 -25.40 45.36 10.55
CA THR B 82 -26.29 44.59 9.68
C THR B 82 -26.01 43.10 9.80
N ALA B 83 -24.78 42.69 9.46
CA ALA B 83 -24.42 41.27 9.56
C ALA B 83 -24.47 40.77 10.99
N GLY B 84 -24.37 41.66 11.97
CA GLY B 84 -24.60 41.26 13.35
C GLY B 84 -26.06 41.00 13.66
N THR B 85 -26.95 41.78 13.04
CA THR B 85 -28.39 41.54 13.22
C THR B 85 -28.79 40.19 12.62
N LEU B 86 -28.29 39.87 11.43
CA LEU B 86 -28.62 38.61 10.79
C LEU B 86 -28.16 37.42 11.63
N HIS B 87 -27.11 37.59 12.42
CA HIS B 87 -26.67 36.53 13.33
C HIS B 87 -27.68 36.34 14.46
N ASN B 88 -28.18 37.43 15.02
CA ASN B 88 -29.15 37.34 16.12
C ASN B 88 -30.44 36.65 15.68
N LEU B 89 -30.72 36.62 14.38
CA LEU B 89 -31.91 35.92 13.89
C LEU B 89 -31.65 34.43 13.69
N SER B 90 -30.39 34.04 13.50
CA SER B 90 -30.10 32.66 13.11
C SER B 90 -30.43 31.68 14.22
N HIS B 91 -30.43 32.14 15.47
CA HIS B 91 -30.77 31.24 16.57
C HIS B 91 -32.25 30.86 16.55
N HIS B 92 -33.09 31.70 15.94
CA HIS B 92 -34.53 31.47 15.90
C HIS B 92 -34.92 30.94 14.53
N ARG B 93 -35.91 30.04 14.52
CA ARG B 93 -36.24 29.26 13.32
C ARG B 93 -36.67 30.12 12.15
N GLU B 94 -37.87 30.71 12.24
CA GLU B 94 -38.43 31.44 11.11
C GLU B 94 -37.66 32.70 10.75
N GLY B 95 -36.58 33.02 11.47
CA GLY B 95 -35.69 34.09 11.07
C GLY B 95 -34.66 33.70 10.03
N LEU B 96 -34.50 32.40 9.78
CA LEU B 96 -33.63 31.89 8.73
C LEU B 96 -34.29 31.90 7.37
N LEU B 97 -35.57 31.51 7.30
CA LEU B 97 -36.29 31.50 6.03
C LEU B 97 -36.40 32.91 5.46
N ALA B 98 -36.58 33.92 6.32
CA ALA B 98 -36.63 35.29 5.85
C ALA B 98 -35.32 35.70 5.21
N ILE B 99 -34.19 35.32 5.81
CA ILE B 99 -32.89 35.58 5.19
C ILE B 99 -32.80 34.86 3.85
N PHE B 100 -33.39 33.67 3.76
CA PHE B 100 -33.28 32.86 2.55
C PHE B 100 -34.26 33.31 1.48
N LYS B 101 -35.47 33.70 1.87
CA LYS B 101 -36.44 34.20 0.89
C LYS B 101 -36.23 35.66 0.55
N SER B 102 -35.35 36.36 1.26
CA SER B 102 -34.94 37.71 0.86
C SER B 102 -33.65 37.71 0.05
N GLY B 103 -33.14 36.53 -0.30
CA GLY B 103 -31.93 36.43 -1.08
C GLY B 103 -30.69 36.90 -0.36
N GLY B 104 -30.50 36.41 0.87
CA GLY B 104 -29.34 36.79 1.65
C GLY B 104 -28.11 35.97 1.34
N ILE B 105 -28.31 34.71 0.95
CA ILE B 105 -27.17 33.82 0.68
C ILE B 105 -26.19 34.40 -0.32
N PRO B 106 -26.60 34.96 -1.46
CA PRO B 106 -25.62 35.60 -2.36
C PRO B 106 -24.96 36.83 -1.74
N ALA B 107 -25.55 37.41 -0.70
CA ALA B 107 -24.97 38.58 -0.05
C ALA B 107 -24.03 38.21 1.09
N LEU B 108 -24.41 37.23 1.91
CA LEU B 108 -23.51 36.75 2.97
C LEU B 108 -22.23 36.18 2.38
N VAL B 109 -22.34 35.42 1.28
CA VAL B 109 -21.16 34.84 0.65
C VAL B 109 -20.23 35.93 0.14
N LYS B 110 -20.77 37.09 -0.25
CA LYS B 110 -19.93 38.20 -0.69
C LYS B 110 -19.03 38.69 0.44
N MET B 111 -19.61 38.93 1.61
CA MET B 111 -18.84 39.45 2.74
C MET B 111 -17.77 38.48 3.23
N LEU B 112 -17.68 37.28 2.66
CA LEU B 112 -16.56 36.39 2.89
C LEU B 112 -15.38 36.84 2.02
N GLY B 113 -15.42 38.09 1.58
CA GLY B 113 -14.34 38.65 0.80
C GLY B 113 -13.84 39.96 1.36
N SER B 114 -14.75 40.80 1.83
CA SER B 114 -14.37 42.09 2.41
C SER B 114 -13.55 41.85 3.67
N PRO B 115 -12.41 42.52 3.84
CA PRO B 115 -11.49 42.18 4.92
C PRO B 115 -11.75 42.90 6.24
N VAL B 116 -12.48 42.26 7.13
CA VAL B 116 -12.59 42.71 8.52
C VAL B 116 -13.09 41.54 9.36
N ASP B 117 -12.48 41.36 10.54
CA ASP B 117 -12.76 40.18 11.35
C ASP B 117 -14.14 40.24 11.99
N SER B 118 -14.64 41.45 12.26
CA SER B 118 -15.90 41.58 13.00
C SER B 118 -17.09 41.06 12.21
N VAL B 119 -17.01 41.05 10.88
CA VAL B 119 -18.14 40.59 10.08
C VAL B 119 -18.07 39.09 9.81
N LEU B 120 -16.88 38.51 9.81
CA LEU B 120 -16.73 37.10 9.43
C LEU B 120 -17.31 36.19 10.50
N PHE B 121 -16.97 36.42 11.77
CA PHE B 121 -17.60 35.68 12.85
C PHE B 121 -19.12 35.83 12.81
N TYR B 122 -19.61 36.92 12.23
CA TYR B 122 -21.03 37.16 12.07
C TYR B 122 -21.59 36.58 10.78
N ALA B 123 -20.74 36.44 9.75
CA ALA B 123 -21.16 35.93 8.45
C ALA B 123 -20.93 34.44 8.29
N ILE B 124 -19.71 33.96 8.58
CA ILE B 124 -19.43 32.53 8.46
C ILE B 124 -20.27 31.71 9.43
N THR B 125 -20.77 32.34 10.49
CA THR B 125 -21.68 31.65 11.41
C THR B 125 -23.10 31.68 10.89
N THR B 126 -23.55 32.83 10.37
CA THR B 126 -24.89 32.92 9.82
C THR B 126 -25.07 31.99 8.62
N LEU B 127 -23.99 31.71 7.89
CA LEU B 127 -24.04 30.66 6.87
C LEU B 127 -24.02 29.28 7.50
N HIS B 128 -23.23 29.08 8.55
CA HIS B 128 -23.09 27.77 9.17
C HIS B 128 -24.42 27.27 9.70
N ASN B 129 -25.15 28.12 10.41
CA ASN B 129 -26.49 27.75 10.86
C ASN B 129 -27.42 27.54 9.68
N LEU B 130 -27.29 28.36 8.64
CA LEU B 130 -28.13 28.24 7.47
C LEU B 130 -27.86 26.94 6.71
N LEU B 131 -26.63 26.43 6.79
CA LEU B 131 -26.31 25.17 6.12
C LEU B 131 -26.96 23.98 6.81
N LEU B 132 -27.14 24.05 8.13
CA LEU B 132 -27.65 22.93 8.92
C LEU B 132 -29.14 23.02 9.17
N HIS B 133 -29.59 24.11 9.80
CA HIS B 133 -30.95 24.20 10.30
C HIS B 133 -31.95 24.71 9.27
N GLN B 134 -31.52 24.94 8.02
CA GLN B 134 -32.47 25.22 6.95
C GLN B 134 -32.00 24.53 5.67
N GLU B 135 -32.94 23.83 5.03
CA GLU B 135 -32.65 23.15 3.77
C GLU B 135 -32.51 24.18 2.64
N GLY B 136 -32.02 23.69 1.50
CA GLY B 136 -31.91 24.55 0.33
C GLY B 136 -30.61 25.33 0.27
N ALA B 137 -30.09 25.70 1.45
CA ALA B 137 -28.87 26.49 1.49
C ALA B 137 -27.66 25.68 1.01
N LYS B 138 -27.67 24.36 1.24
CA LYS B 138 -26.57 23.53 0.78
C LYS B 138 -26.43 23.52 -0.74
N MET B 139 -27.48 23.93 -1.46
CA MET B 139 -27.44 24.07 -2.91
C MET B 139 -27.23 25.52 -3.34
N ALA B 140 -27.89 26.47 -2.68
CA ALA B 140 -27.74 27.88 -3.06
C ALA B 140 -26.34 28.40 -2.75
N VAL B 141 -25.67 27.83 -1.76
CA VAL B 141 -24.30 28.26 -1.46
C VAL B 141 -23.33 27.78 -2.53
N ARG B 142 -23.51 26.55 -3.02
CA ARG B 142 -22.65 26.04 -4.08
C ARG B 142 -22.80 26.88 -5.35
N LEU B 143 -24.02 27.35 -5.63
CA LEU B 143 -24.24 28.16 -6.82
C LEU B 143 -23.71 29.57 -6.67
N ALA B 144 -23.77 30.13 -5.45
CA ALA B 144 -23.28 31.47 -5.19
C ALA B 144 -21.76 31.55 -5.09
N GLY B 145 -21.05 30.46 -5.37
CA GLY B 145 -19.61 30.44 -5.29
C GLY B 145 -19.10 30.55 -3.87
N GLY B 146 -19.68 29.78 -2.96
CA GLY B 146 -19.30 29.83 -1.56
C GLY B 146 -18.04 29.06 -1.24
N LEU B 147 -17.84 27.92 -1.90
CA LEU B 147 -16.68 27.09 -1.62
C LEU B 147 -15.38 27.83 -1.98
N GLN B 148 -15.41 28.63 -3.04
CA GLN B 148 -14.20 29.35 -3.43
C GLN B 148 -13.83 30.42 -2.42
N LYS B 149 -14.81 31.16 -1.92
CA LYS B 149 -14.54 32.18 -0.90
C LYS B 149 -14.26 31.57 0.46
N MET B 150 -14.72 30.34 0.72
CA MET B 150 -14.51 29.71 2.01
C MET B 150 -13.10 29.15 2.13
N VAL B 151 -12.61 28.51 1.06
CA VAL B 151 -11.24 27.98 1.08
C VAL B 151 -10.23 29.12 1.09
N ALA B 152 -10.55 30.23 0.42
CA ALA B 152 -9.62 31.35 0.36
C ALA B 152 -9.35 31.97 1.72
N LEU B 153 -10.29 31.83 2.66
CA LEU B 153 -10.12 32.35 4.01
C LEU B 153 -9.70 31.27 5.00
N LEU B 154 -8.79 30.38 4.58
CA LEU B 154 -8.23 29.38 5.46
C LEU B 154 -6.93 29.83 6.11
N ASN B 155 -6.39 30.97 5.70
CA ASN B 155 -5.12 31.47 6.21
C ASN B 155 -5.28 32.52 7.31
N LYS B 156 -6.48 32.61 7.91
CA LYS B 156 -6.69 33.54 9.00
C LYS B 156 -6.00 33.05 10.25
N THR B 157 -5.42 33.98 11.03
CA THR B 157 -4.68 33.62 12.22
C THR B 157 -5.57 33.02 13.30
N ASN B 158 -6.88 33.28 13.27
CA ASN B 158 -7.78 32.70 14.24
C ASN B 158 -7.90 31.20 14.02
N VAL B 159 -8.24 30.48 15.09
CA VAL B 159 -8.37 29.02 15.07
C VAL B 159 -9.83 28.60 15.19
N LYS B 160 -10.57 29.19 16.11
CA LYS B 160 -11.99 28.87 16.26
C LYS B 160 -12.78 29.28 15.02
N PHE B 161 -12.40 30.38 14.38
CA PHE B 161 -13.03 30.77 13.13
C PHE B 161 -12.87 29.69 12.07
N LEU B 162 -11.71 29.03 12.06
CA LEU B 162 -11.47 27.98 11.07
C LEU B 162 -12.26 26.73 11.39
N ALA B 163 -12.59 26.50 12.66
CA ALA B 163 -13.42 25.35 13.02
C ALA B 163 -14.81 25.46 12.40
N ILE B 164 -15.32 26.69 12.26
CA ILE B 164 -16.61 26.88 11.61
C ILE B 164 -16.44 26.85 10.09
N THR B 165 -15.37 27.44 9.57
CA THR B 165 -15.16 27.48 8.12
C THR B 165 -14.90 26.09 7.58
N THR B 166 -14.03 25.31 8.23
CA THR B 166 -13.75 23.96 7.77
C THR B 166 -14.97 23.05 7.91
N ASP B 167 -15.81 23.28 8.92
CA ASP B 167 -17.01 22.48 9.07
C ASP B 167 -18.00 22.76 7.95
N CYS B 168 -18.08 24.02 7.50
CA CYS B 168 -18.94 24.34 6.37
C CYS B 168 -18.49 23.63 5.10
N LEU B 169 -17.18 23.43 4.94
CA LEU B 169 -16.68 22.66 3.80
C LEU B 169 -17.08 21.19 3.89
N GLN B 170 -17.17 20.66 5.11
CA GLN B 170 -17.58 19.26 5.27
C GLN B 170 -19.05 19.07 4.91
N ILE B 171 -19.89 20.08 5.17
CA ILE B 171 -21.31 19.95 4.88
C ILE B 171 -21.57 20.04 3.39
N LEU B 172 -20.80 20.88 2.69
CA LEU B 172 -21.04 21.12 1.28
C LEU B 172 -20.45 20.01 0.41
N ALA B 173 -19.30 19.48 0.80
CA ALA B 173 -18.61 18.45 0.03
C ALA B 173 -19.05 17.04 0.41
N TYR B 174 -20.06 16.90 1.27
CA TYR B 174 -20.51 15.58 1.73
C TYR B 174 -21.32 14.91 0.62
N GLY B 175 -20.76 13.84 0.04
CA GLY B 175 -21.49 13.08 -0.96
C GLY B 175 -21.83 13.84 -2.22
N ASN B 176 -21.13 14.93 -2.50
CA ASN B 176 -21.37 15.76 -3.68
C ASN B 176 -20.02 15.96 -4.38
N GLN B 177 -19.74 15.10 -5.36
CA GLN B 177 -18.46 15.18 -6.06
C GLN B 177 -18.32 16.43 -6.92
N GLU B 178 -19.41 17.17 -7.15
CA GLU B 178 -19.28 18.51 -7.71
C GLU B 178 -18.53 19.42 -6.76
N SER B 179 -18.85 19.35 -5.47
CA SER B 179 -18.17 20.17 -4.47
C SER B 179 -16.78 19.65 -4.17
N LYS B 180 -16.59 18.32 -4.17
CA LYS B 180 -15.25 17.77 -3.96
C LYS B 180 -14.29 18.20 -5.06
N LEU B 181 -14.80 18.43 -6.27
CA LEU B 181 -13.94 18.89 -7.36
C LEU B 181 -13.69 20.38 -7.29
N ILE B 182 -14.60 21.15 -6.71
CA ILE B 182 -14.41 22.59 -6.60
C ILE B 182 -13.31 22.91 -5.61
N ILE B 183 -13.34 22.27 -4.44
CA ILE B 183 -12.29 22.49 -3.43
C ILE B 183 -10.92 22.09 -3.97
N LEU B 184 -10.88 21.07 -4.83
CA LEU B 184 -9.61 20.66 -5.44
C LEU B 184 -9.09 21.73 -6.39
N ALA B 185 -9.96 22.23 -7.28
CA ALA B 185 -9.53 23.19 -8.29
C ALA B 185 -9.11 24.51 -7.67
N SER B 186 -9.68 24.88 -6.53
CA SER B 186 -9.36 26.14 -5.86
C SER B 186 -8.27 26.00 -4.81
N GLY B 187 -7.34 25.06 -4.99
CA GLY B 187 -6.26 24.86 -4.05
C GLY B 187 -6.73 24.45 -2.67
N GLY B 188 -7.14 23.19 -2.53
CA GLY B 188 -7.72 22.71 -1.29
C GLY B 188 -6.77 21.89 -0.45
N PRO B 189 -6.41 20.69 -0.94
CA PRO B 189 -5.58 19.78 -0.13
C PRO B 189 -4.28 20.40 0.37
N GLN B 190 -3.60 21.19 -0.46
CA GLN B 190 -2.35 21.80 -0.03
C GLN B 190 -2.54 22.80 1.10
N ALA B 191 -3.74 23.33 1.27
CA ALA B 191 -4.03 24.24 2.37
C ALA B 191 -4.57 23.52 3.60
N LEU B 192 -5.36 22.46 3.39
CA LEU B 192 -5.89 21.69 4.51
C LEU B 192 -4.82 20.91 5.24
N VAL B 193 -3.66 20.69 4.61
CA VAL B 193 -2.56 20.02 5.30
C VAL B 193 -1.86 20.99 6.24
N ASN B 194 -1.62 22.22 5.80
CA ASN B 194 -1.01 23.23 6.66
C ASN B 194 -1.93 23.70 7.78
N ILE B 195 -3.11 23.11 7.92
CA ILE B 195 -3.95 23.28 9.09
C ILE B 195 -3.73 22.16 10.10
N MET B 196 -3.63 20.92 9.62
CA MET B 196 -3.31 19.79 10.49
C MET B 196 -1.86 19.86 10.97
N ARG B 197 -0.95 20.32 10.10
CA ARG B 197 0.47 20.31 10.41
C ARG B 197 0.85 21.39 11.43
N THR B 198 -0.02 22.39 11.63
CA THR B 198 0.32 23.55 12.44
C THR B 198 -0.45 23.59 13.75
N TYR B 199 -1.76 23.85 13.70
CA TYR B 199 -2.52 24.20 14.89
C TYR B 199 -2.66 23.01 15.84
N THR B 200 -3.19 23.30 17.04
CA THR B 200 -3.30 22.32 18.10
C THR B 200 -4.72 22.15 18.63
N TYR B 201 -5.69 22.90 18.12
CA TYR B 201 -7.06 22.77 18.58
C TYR B 201 -7.65 21.45 18.13
N GLU B 202 -8.18 20.67 19.08
CA GLU B 202 -8.73 19.36 18.74
C GLU B 202 -9.96 19.47 17.85
N LYS B 203 -10.83 20.46 18.11
CA LYS B 203 -12.05 20.59 17.33
C LYS B 203 -11.75 20.91 15.87
N LEU B 204 -10.75 21.76 15.61
CA LEU B 204 -10.38 22.07 14.24
C LEU B 204 -9.71 20.88 13.56
N LEU B 205 -8.79 20.21 14.27
CA LEU B 205 -8.13 19.04 13.70
C LEU B 205 -9.13 17.91 13.48
N TRP B 206 -10.12 17.77 14.35
CA TRP B 206 -11.16 16.76 14.15
C TRP B 206 -11.98 17.05 12.90
N THR B 207 -12.27 18.33 12.65
CA THR B 207 -13.04 18.70 11.47
C THR B 207 -12.20 18.65 10.20
N THR B 208 -10.97 19.16 10.26
CA THR B 208 -10.10 19.14 9.08
C THR B 208 -9.82 17.72 8.63
N SER B 209 -9.58 16.80 9.57
CA SER B 209 -9.43 15.39 9.21
C SER B 209 -10.75 14.83 8.70
N ARG B 210 -11.87 15.27 9.29
CA ARG B 210 -13.18 14.86 8.81
C ARG B 210 -13.47 15.37 7.41
N VAL B 211 -12.82 16.46 7.00
CA VAL B 211 -12.96 16.95 5.63
C VAL B 211 -12.06 16.16 4.68
N LEU B 212 -10.84 15.85 5.11
CA LEU B 212 -9.88 15.17 4.24
C LEU B 212 -10.34 13.76 3.86
N LYS B 213 -11.16 13.13 4.70
CA LYS B 213 -11.60 11.77 4.39
C LYS B 213 -12.58 11.74 3.22
N VAL B 214 -13.62 12.58 3.28
CA VAL B 214 -14.58 12.66 2.18
C VAL B 214 -14.00 13.35 0.96
N LEU B 215 -12.73 13.76 1.02
CA LEU B 215 -11.97 14.14 -0.16
C LEU B 215 -11.08 13.01 -0.66
N SER B 216 -10.93 11.94 0.11
CA SER B 216 -10.02 10.85 -0.21
C SER B 216 -10.65 9.80 -1.11
N VAL B 217 -11.91 9.43 -0.83
CA VAL B 217 -12.56 8.37 -1.60
C VAL B 217 -12.69 8.74 -3.07
N CYS B 218 -12.78 10.03 -3.37
CA CYS B 218 -12.73 10.48 -4.76
C CYS B 218 -11.29 10.36 -5.26
N SER B 219 -11.07 9.49 -6.25
CA SER B 219 -9.73 9.21 -6.73
C SER B 219 -9.18 10.34 -7.60
N SER B 220 -9.63 11.56 -7.35
CA SER B 220 -9.09 12.76 -7.99
C SER B 220 -8.29 13.63 -7.05
N ASN B 221 -8.59 13.59 -5.76
CA ASN B 221 -7.84 14.31 -4.73
C ASN B 221 -6.81 13.42 -4.05
N LYS B 222 -6.84 12.12 -4.28
CA LYS B 222 -5.95 11.20 -3.58
C LYS B 222 -4.47 11.53 -3.75
N PRO B 223 -3.96 11.84 -4.95
CA PRO B 223 -2.55 12.21 -5.04
C PRO B 223 -2.25 13.60 -4.50
N ALA B 224 -3.12 14.58 -4.78
CA ALA B 224 -2.85 15.96 -4.39
C ALA B 224 -2.72 16.11 -2.88
N ILE B 225 -3.45 15.30 -2.11
CA ILE B 225 -3.28 15.31 -0.67
C ILE B 225 -1.94 14.69 -0.29
N VAL B 226 -1.58 13.58 -0.93
CA VAL B 226 -0.28 12.96 -0.72
C VAL B 226 0.83 13.89 -1.20
N GLU B 227 0.65 14.49 -2.38
CA GLU B 227 1.70 15.30 -2.97
C GLU B 227 2.06 16.50 -2.09
N ALA B 228 1.05 17.13 -1.50
CA ALA B 228 1.33 18.28 -0.63
C ALA B 228 2.06 17.86 0.64
N GLY B 229 1.68 16.72 1.22
CA GLY B 229 2.29 16.24 2.43
C GLY B 229 1.28 15.80 3.47
N GLY B 230 0.22 15.11 3.02
CA GLY B 230 -0.87 14.78 3.91
C GLY B 230 -0.53 13.67 4.88
N MET B 231 -0.01 12.56 4.36
CA MET B 231 0.34 11.40 5.19
C MET B 231 1.27 11.81 6.33
N GLN B 232 2.40 12.43 5.99
CA GLN B 232 3.41 12.75 6.99
C GLN B 232 2.86 13.65 8.09
N ALA B 233 1.93 14.54 7.76
CA ALA B 233 1.35 15.44 8.75
C ALA B 233 0.20 14.81 9.53
N LEU B 234 -0.59 13.96 8.90
CA LEU B 234 -1.69 13.30 9.60
C LEU B 234 -1.17 12.29 10.63
N GLY B 235 0.03 11.77 10.45
CA GLY B 235 0.64 10.89 11.43
C GLY B 235 1.14 11.59 12.67
N LEU B 236 1.21 12.93 12.64
CA LEU B 236 1.60 13.67 13.84
C LEU B 236 0.62 13.45 14.98
N HIS B 237 -0.67 13.44 14.67
CA HIS B 237 -1.73 13.41 15.68
C HIS B 237 -2.24 12.01 15.96
N LEU B 238 -1.50 10.98 15.54
CA LEU B 238 -1.92 9.61 15.82
C LEU B 238 -1.83 9.28 17.31
N THR B 239 -1.13 10.09 18.09
CA THR B 239 -0.99 9.88 19.53
C THR B 239 -1.88 10.82 20.35
N ASP B 240 -2.62 11.71 19.71
CA ASP B 240 -3.52 12.59 20.44
C ASP B 240 -4.61 11.76 21.13
N PRO B 241 -5.05 12.18 22.32
CA PRO B 241 -5.94 11.32 23.13
C PRO B 241 -7.30 11.04 22.50
N SER B 242 -8.00 12.09 22.06
CA SER B 242 -9.36 11.95 21.56
C SER B 242 -9.44 10.96 20.40
N GLN B 243 -10.09 9.81 20.65
CA GLN B 243 -10.17 8.77 19.64
C GLN B 243 -11.04 9.17 18.45
N ARG B 244 -11.94 10.14 18.62
CA ARG B 244 -12.72 10.63 17.49
C ARG B 244 -11.83 11.28 16.43
N LEU B 245 -10.63 11.70 16.81
CA LEU B 245 -9.65 12.22 15.87
C LEU B 245 -8.69 11.16 15.37
N VAL B 246 -8.43 10.14 16.18
CA VAL B 246 -7.42 9.14 15.84
C VAL B 246 -7.87 8.30 14.66
N GLN B 247 -9.02 7.64 14.79
CA GLN B 247 -9.46 6.70 13.76
C GLN B 247 -9.80 7.41 12.46
N ASN B 248 -10.24 8.67 12.51
CA ASN B 248 -10.48 9.43 11.28
C ASN B 248 -9.19 9.64 10.50
N CYS B 249 -8.09 9.92 11.20
CA CYS B 249 -6.81 10.04 10.53
C CYS B 249 -6.37 8.71 9.94
N LEU B 250 -6.57 7.62 10.68
CA LEU B 250 -6.27 6.29 10.15
C LEU B 250 -7.18 5.94 9.00
N TRP B 251 -8.47 6.26 9.11
CA TRP B 251 -9.41 6.00 8.03
C TRP B 251 -9.01 6.75 6.76
N THR B 252 -8.47 7.97 6.92
CA THR B 252 -8.02 8.72 5.76
C THR B 252 -6.84 8.04 5.09
N LEU B 253 -5.78 7.75 5.86
CA LEU B 253 -4.58 7.15 5.29
C LEU B 253 -4.89 5.85 4.56
N ARG B 254 -5.75 5.01 5.15
CA ARG B 254 -6.10 3.73 4.53
C ARG B 254 -6.64 3.93 3.12
N ASN B 255 -7.57 4.89 2.96
CA ASN B 255 -8.08 5.22 1.64
C ASN B 255 -7.10 6.03 0.82
N LEU B 256 -6.15 6.70 1.46
CA LEU B 256 -5.27 7.66 0.81
C LEU B 256 -3.82 7.18 0.74
N SER B 257 -3.56 5.93 1.10
CA SER B 257 -2.24 5.32 0.94
C SER B 257 -2.06 4.65 -0.42
N ASP B 258 -3.10 4.62 -1.25
CA ASP B 258 -2.99 3.97 -2.55
C ASP B 258 -1.94 4.65 -3.42
N ALA B 259 -1.82 5.97 -3.33
CA ALA B 259 -0.88 6.71 -4.15
C ALA B 259 0.12 7.49 -3.31
N ALA B 260 0.76 6.82 -2.35
CA ALA B 260 1.80 7.44 -1.54
C ALA B 260 3.06 6.58 -1.56
N THR B 261 3.23 5.75 -2.59
CA THR B 261 4.26 4.74 -2.55
C THR B 261 5.67 5.31 -2.82
N LYS B 262 5.76 6.54 -3.30
CA LYS B 262 6.99 7.13 -3.84
C LYS B 262 7.29 8.47 -3.19
N GLN B 263 7.33 8.52 -1.86
CA GLN B 263 7.94 9.65 -1.19
C GLN B 263 8.33 9.25 0.23
N GLU B 264 9.21 10.05 0.81
CA GLU B 264 9.85 9.78 2.09
C GLU B 264 9.22 10.65 3.19
N GLY B 265 9.99 10.91 4.25
CA GLY B 265 9.48 11.64 5.39
C GLY B 265 8.57 10.86 6.31
N MET B 266 8.13 9.68 5.89
CA MET B 266 7.25 8.83 6.68
C MET B 266 7.98 8.12 7.82
N GLU B 267 9.27 8.41 8.00
CA GLU B 267 10.14 7.77 8.98
C GLU B 267 9.49 7.63 10.35
N GLY B 268 8.74 8.64 10.78
CA GLY B 268 8.02 8.56 12.04
C GLY B 268 6.67 7.90 11.90
N LEU B 269 6.08 7.98 10.70
CA LEU B 269 4.77 7.39 10.45
C LEU B 269 4.83 5.88 10.51
N LEU B 270 5.93 5.27 10.08
CA LEU B 270 6.01 3.83 10.17
C LEU B 270 6.38 3.39 11.59
N GLY B 271 7.14 4.20 12.33
CA GLY B 271 7.38 3.91 13.73
C GLY B 271 6.27 4.43 14.63
N THR B 272 5.03 4.16 14.25
CA THR B 272 3.86 4.56 15.02
C THR B 272 2.73 3.58 14.73
N LEU B 273 2.57 3.21 13.46
CA LEU B 273 1.57 2.21 13.10
C LEU B 273 1.94 0.84 13.64
N VAL B 274 3.24 0.54 13.77
CA VAL B 274 3.66 -0.73 14.34
C VAL B 274 3.20 -0.85 15.79
N GLN B 275 3.32 0.25 16.55
CA GLN B 275 2.85 0.23 17.94
C GLN B 275 1.34 0.12 18.02
N LEU B 276 0.63 0.62 17.00
CA LEU B 276 -0.82 0.50 16.97
C LEU B 276 -1.29 -0.94 16.74
N LEU B 277 -0.40 -1.83 16.31
CA LEU B 277 -0.76 -3.23 16.15
C LEU B 277 -1.01 -3.92 17.50
N GLY B 278 -0.44 -3.38 18.57
CA GLY B 278 -0.67 -3.93 19.90
C GLY B 278 -1.69 -3.13 20.67
N SER B 279 -2.74 -2.69 19.99
CA SER B 279 -3.82 -1.92 20.60
C SER B 279 -5.04 -2.80 20.85
N ASP B 280 -5.77 -2.47 21.90
CA ASP B 280 -6.98 -3.21 22.25
C ASP B 280 -8.15 -2.93 21.32
N ASP B 281 -7.97 -2.05 20.33
CA ASP B 281 -9.02 -1.67 19.40
C ASP B 281 -8.78 -2.39 18.08
N ILE B 282 -9.67 -3.34 17.75
CA ILE B 282 -9.51 -4.12 16.53
C ILE B 282 -9.66 -3.24 15.30
N ASN B 283 -10.59 -2.28 15.33
CA ASN B 283 -10.80 -1.39 14.20
C ASN B 283 -9.61 -0.48 13.94
N VAL B 284 -8.63 -0.44 14.84
CA VAL B 284 -7.40 0.32 14.61
C VAL B 284 -6.36 -0.54 13.91
N VAL B 285 -6.18 -1.79 14.35
CA VAL B 285 -5.20 -2.66 13.73
C VAL B 285 -5.57 -2.94 12.28
N THR B 286 -6.87 -3.14 12.01
CA THR B 286 -7.32 -3.33 10.64
C THR B 286 -6.96 -2.14 9.77
N CYS B 287 -7.15 -0.93 10.29
CA CYS B 287 -6.77 0.29 9.59
C CYS B 287 -5.29 0.62 9.74
N ALA B 288 -4.51 -0.24 10.36
CA ALA B 288 -3.07 -0.06 10.50
C ALA B 288 -2.26 -1.02 9.64
N ALA B 289 -2.64 -2.30 9.60
CA ALA B 289 -1.95 -3.25 8.75
C ALA B 289 -2.26 -3.02 7.27
N GLY B 290 -3.47 -2.55 6.96
CA GLY B 290 -3.80 -2.21 5.59
C GLY B 290 -2.97 -1.05 5.06
N ILE B 291 -2.58 -0.12 5.94
CA ILE B 291 -1.70 0.95 5.54
C ILE B 291 -0.32 0.41 5.21
N LEU B 292 0.22 -0.45 6.09
CA LEU B 292 1.53 -1.04 5.85
C LEU B 292 1.52 -1.96 4.65
N SER B 293 0.37 -2.57 4.33
CA SER B 293 0.30 -3.44 3.17
C SER B 293 0.44 -2.66 1.87
N ASN B 294 -0.10 -1.44 1.83
CA ASN B 294 0.01 -0.59 0.65
C ASN B 294 1.30 0.21 0.61
N LEU B 295 1.81 0.62 1.77
CA LEU B 295 3.03 1.43 1.84
C LEU B 295 4.31 0.60 1.79
N THR B 296 4.21 -0.68 1.38
CA THR B 296 5.40 -1.51 1.21
C THR B 296 5.36 -2.29 -0.10
N CYS B 297 4.54 -1.86 -1.06
CA CYS B 297 4.36 -2.63 -2.29
C CYS B 297 5.47 -2.40 -3.30
N ASN B 298 6.12 -1.24 -3.26
CA ASN B 298 7.13 -0.92 -4.26
C ASN B 298 8.36 -0.21 -3.71
N ASN B 299 8.29 0.42 -2.53
CA ASN B 299 9.40 1.23 -2.04
C ASN B 299 10.49 0.34 -1.45
N TYR B 300 11.75 0.71 -1.73
CA TYR B 300 12.88 -0.03 -1.22
C TYR B 300 13.09 0.23 0.26
N LYS B 301 13.26 1.49 0.63
CA LYS B 301 13.65 1.85 1.99
C LYS B 301 12.49 1.83 2.98
N ASN B 302 11.24 1.77 2.52
CA ASN B 302 10.12 1.60 3.44
C ASN B 302 10.20 0.24 4.13
N LYS B 303 10.56 -0.80 3.40
CA LYS B 303 10.72 -2.13 4.00
C LYS B 303 11.88 -2.15 4.99
N MET B 304 12.92 -1.35 4.74
CA MET B 304 14.03 -1.24 5.69
C MET B 304 13.56 -0.70 7.02
N MET B 305 12.79 0.39 6.99
CA MET B 305 12.39 1.05 8.24
C MET B 305 11.49 0.17 9.09
N VAL B 306 10.64 -0.64 8.46
CA VAL B 306 9.75 -1.51 9.24
C VAL B 306 10.56 -2.57 9.98
N CYS B 307 11.50 -3.21 9.28
CA CYS B 307 12.33 -4.24 9.91
C CYS B 307 13.28 -3.67 10.95
N GLN B 308 13.49 -2.36 10.98
CA GLN B 308 14.41 -1.73 11.93
C GLN B 308 13.70 -1.25 13.20
N VAL B 309 12.37 -1.12 13.16
CA VAL B 309 11.60 -0.80 14.36
C VAL B 309 11.06 -2.05 15.04
N GLY B 310 11.53 -3.23 14.65
CA GLY B 310 10.98 -4.46 15.18
C GLY B 310 9.62 -4.81 14.59
N GLY B 311 9.41 -4.49 13.31
CA GLY B 311 8.10 -4.66 12.70
C GLY B 311 7.70 -6.10 12.48
N ILE B 312 8.66 -7.02 12.50
CA ILE B 312 8.33 -8.44 12.28
C ILE B 312 7.61 -9.02 13.48
N GLU B 313 8.25 -8.94 14.65
CA GLU B 313 7.66 -9.50 15.87
C GLU B 313 6.28 -8.94 16.14
N ALA B 314 6.13 -7.62 16.02
CA ALA B 314 4.84 -6.99 16.31
C ALA B 314 3.78 -7.39 15.30
N LEU B 315 4.15 -7.61 14.05
CA LEU B 315 3.17 -7.96 13.03
C LEU B 315 2.85 -9.45 13.04
N VAL B 316 3.82 -10.30 13.38
CA VAL B 316 3.55 -11.73 13.50
C VAL B 316 2.56 -11.99 14.62
N ARG B 317 2.71 -11.28 15.75
CA ARG B 317 1.79 -11.46 16.87
C ARG B 317 0.37 -11.05 16.52
N THR B 318 0.23 -10.09 15.59
CA THR B 318 -1.11 -9.65 15.18
C THR B 318 -1.91 -10.80 14.60
N VAL B 319 -1.30 -11.58 13.71
CA VAL B 319 -1.99 -12.72 13.10
C VAL B 319 -2.33 -13.76 14.15
N LEU B 320 -1.48 -13.92 15.17
CA LEU B 320 -1.74 -14.90 16.21
C LEU B 320 -3.05 -14.61 16.93
N ARG B 321 -3.23 -13.38 17.39
CA ARG B 321 -4.45 -13.01 18.09
C ARG B 321 -5.59 -12.65 17.15
N ALA B 322 -5.33 -12.50 15.86
CA ALA B 322 -6.40 -12.28 14.90
C ALA B 322 -7.20 -13.55 14.65
N GLY B 323 -6.56 -14.71 14.77
CA GLY B 323 -7.27 -15.96 14.56
C GLY B 323 -7.66 -16.13 13.11
N ASP B 324 -8.94 -16.42 12.88
CA ASP B 324 -9.47 -16.61 11.54
C ASP B 324 -10.04 -15.33 10.93
N ARG B 325 -10.02 -14.22 11.66
CA ARG B 325 -10.47 -12.95 11.12
C ARG B 325 -9.62 -12.55 9.93
N GLU B 326 -10.06 -12.93 8.73
CA GLU B 326 -9.25 -12.72 7.53
C GLU B 326 -9.05 -11.23 7.23
N ASP B 327 -9.97 -10.39 7.67
CA ASP B 327 -9.84 -8.95 7.43
C ASP B 327 -8.59 -8.38 8.07
N ILE B 328 -8.03 -9.06 9.07
CA ILE B 328 -6.79 -8.64 9.72
C ILE B 328 -5.59 -9.35 9.11
N THR B 329 -5.73 -10.64 8.79
CA THR B 329 -4.59 -11.42 8.29
C THR B 329 -4.30 -11.15 6.83
N GLU B 330 -5.31 -10.74 6.05
CA GLU B 330 -5.09 -10.50 4.62
C GLU B 330 -4.06 -9.40 4.36
N PRO B 331 -4.10 -8.22 5.01
CA PRO B 331 -3.03 -7.25 4.79
C PRO B 331 -1.76 -7.61 5.55
N ALA B 332 -1.91 -8.34 6.67
CA ALA B 332 -0.76 -8.69 7.47
C ALA B 332 0.17 -9.64 6.74
N ILE B 333 -0.38 -10.63 6.03
CA ILE B 333 0.44 -11.54 5.26
C ILE B 333 1.05 -10.84 4.06
N CYS B 334 0.26 -9.97 3.39
CA CYS B 334 0.78 -9.18 2.29
C CYS B 334 1.92 -8.27 2.75
N ALA B 335 1.80 -7.70 3.95
CA ALA B 335 2.87 -6.88 4.49
C ALA B 335 4.12 -7.71 4.76
N LEU B 336 3.95 -8.93 5.25
CA LEU B 336 5.09 -9.80 5.50
C LEU B 336 5.73 -10.26 4.20
N ARG B 337 4.91 -10.50 3.17
CA ARG B 337 5.45 -10.88 1.87
C ARG B 337 6.34 -9.78 1.29
N HIS B 338 6.00 -8.52 1.56
CA HIS B 338 6.79 -7.41 1.05
C HIS B 338 8.13 -7.31 1.77
N LEU B 339 8.10 -7.39 3.10
CA LEU B 339 9.32 -7.22 3.89
C LEU B 339 10.32 -8.34 3.62
N THR B 340 9.86 -9.52 3.21
CA THR B 340 10.72 -10.67 3.02
C THR B 340 11.23 -10.80 1.58
N SER B 341 11.29 -9.70 0.83
CA SER B 341 11.69 -9.79 -0.57
C SER B 341 12.30 -8.48 -1.04
N ARG B 342 13.50 -8.59 -1.62
CA ARG B 342 14.11 -7.54 -2.44
C ARG B 342 14.38 -6.26 -1.65
N HIS B 343 15.30 -6.39 -0.69
CA HIS B 343 15.87 -5.23 0.00
C HIS B 343 17.03 -5.71 0.86
N GLN B 344 17.76 -4.75 1.42
CA GLN B 344 19.01 -5.05 2.12
C GLN B 344 18.77 -5.93 3.34
N GLU B 345 17.69 -5.68 4.09
CA GLU B 345 17.39 -6.42 5.31
C GLU B 345 16.62 -7.70 5.03
N ALA B 346 16.96 -8.42 3.96
CA ALA B 346 16.20 -9.61 3.58
C ALA B 346 16.52 -10.79 4.49
N GLU B 347 17.81 -11.11 4.66
CA GLU B 347 18.21 -12.27 5.43
C GLU B 347 17.73 -12.20 6.87
N MET B 348 17.46 -11.01 7.39
CA MET B 348 16.91 -10.88 8.75
C MET B 348 15.40 -10.97 8.76
N ALA B 349 14.73 -10.39 7.77
CA ALA B 349 13.27 -10.42 7.73
C ALA B 349 12.76 -11.85 7.55
N GLN B 350 13.46 -12.66 6.75
CA GLN B 350 13.09 -14.05 6.58
C GLN B 350 13.48 -14.91 7.78
N ASN B 351 14.42 -14.44 8.59
CA ASN B 351 14.87 -15.17 9.77
C ASN B 351 14.03 -14.84 11.01
N ALA B 352 13.63 -13.57 11.15
CA ALA B 352 12.89 -13.15 12.34
C ALA B 352 11.52 -13.80 12.45
N VAL B 353 10.95 -14.25 11.33
CA VAL B 353 9.68 -14.97 11.38
C VAL B 353 9.87 -16.30 12.12
N ARG B 354 11.00 -16.96 11.89
CA ARG B 354 11.30 -18.20 12.60
C ARG B 354 11.57 -17.94 14.08
N LEU B 355 12.48 -17.01 14.38
CA LEU B 355 12.89 -16.79 15.76
C LEU B 355 11.75 -16.30 16.65
N HIS B 356 10.73 -15.69 16.06
CA HIS B 356 9.56 -15.24 16.82
C HIS B 356 8.39 -16.19 16.69
N TYR B 357 8.64 -17.44 16.27
CA TYR B 357 7.64 -18.51 16.25
C TYR B 357 6.47 -18.17 15.35
N GLY B 358 6.78 -17.74 14.13
CA GLY B 358 5.74 -17.39 13.17
C GLY B 358 5.55 -18.43 12.08
N LEU B 359 6.51 -19.35 11.96
CA LEU B 359 6.43 -20.37 10.92
C LEU B 359 5.23 -21.32 11.08
N PRO B 360 4.88 -21.81 12.28
CA PRO B 360 3.76 -22.78 12.34
C PRO B 360 2.42 -22.18 11.96
N VAL B 361 2.14 -20.94 12.38
CA VAL B 361 0.82 -20.37 12.12
C VAL B 361 0.64 -20.03 10.65
N VAL B 362 1.73 -19.68 9.95
CA VAL B 362 1.63 -19.34 8.54
C VAL B 362 1.21 -20.54 7.72
N VAL B 363 1.72 -21.73 8.06
CA VAL B 363 1.34 -22.94 7.35
C VAL B 363 -0.12 -23.28 7.62
N LYS B 364 -0.62 -22.96 8.82
CA LYS B 364 -2.01 -23.28 9.16
C LYS B 364 -2.98 -22.44 8.33
N LEU B 365 -2.59 -21.25 7.91
CA LEU B 365 -3.45 -20.42 7.07
C LEU B 365 -3.69 -21.05 5.71
N LEU B 366 -2.84 -21.98 5.29
CA LEU B 366 -3.07 -22.69 4.02
C LEU B 366 -4.33 -23.54 4.10
N HIS B 367 -4.59 -24.13 5.25
CA HIS B 367 -5.75 -24.99 5.44
C HIS B 367 -7.03 -24.18 5.57
N PRO B 368 -8.18 -24.80 5.35
CA PRO B 368 -9.45 -24.13 5.62
C PRO B 368 -9.56 -23.71 7.07
N PRO B 369 -10.50 -22.83 7.42
CA PRO B 369 -11.55 -22.21 6.59
C PRO B 369 -11.09 -20.93 5.89
N SER B 370 -9.78 -20.75 5.75
CA SER B 370 -9.26 -19.54 5.13
C SER B 370 -9.72 -19.44 3.68
N HIS B 371 -10.24 -18.26 3.32
CA HIS B 371 -10.70 -18.04 1.96
C HIS B 371 -9.51 -17.94 1.02
N TRP B 372 -9.82 -17.69 -0.26
CA TRP B 372 -8.82 -17.78 -1.32
C TRP B 372 -7.92 -16.54 -1.44
N PRO B 373 -8.46 -15.32 -1.38
CA PRO B 373 -7.57 -14.14 -1.48
C PRO B 373 -6.50 -14.11 -0.40
N LEU B 374 -6.80 -14.61 0.80
CA LEU B 374 -5.76 -14.69 1.83
C LEU B 374 -4.74 -15.78 1.50
N ILE B 375 -5.20 -16.90 0.94
CA ILE B 375 -4.29 -17.98 0.58
C ILE B 375 -3.39 -17.56 -0.58
N LYS B 376 -3.93 -16.78 -1.53
CA LYS B 376 -3.11 -16.27 -2.62
C LYS B 376 -1.93 -15.48 -2.11
N ALA B 377 -2.09 -14.77 -0.99
CA ALA B 377 -0.99 -14.04 -0.38
C ALA B 377 -0.11 -14.91 0.51
N THR B 378 -0.66 -16.00 1.04
CA THR B 378 0.12 -16.87 1.93
C THR B 378 1.04 -17.79 1.13
N VAL B 379 0.53 -18.39 0.05
CA VAL B 379 1.38 -19.19 -0.83
C VAL B 379 2.45 -18.33 -1.49
N GLY B 380 2.25 -17.02 -1.54
CA GLY B 380 3.26 -16.12 -2.04
C GLY B 380 4.26 -15.74 -0.96
N LEU B 381 3.86 -15.87 0.30
CA LEU B 381 4.77 -15.63 1.41
C LEU B 381 5.76 -16.77 1.60
N ILE B 382 5.35 -18.00 1.29
CA ILE B 382 6.21 -19.16 1.49
C ILE B 382 7.43 -19.09 0.58
N ARG B 383 7.24 -18.66 -0.67
CA ARG B 383 8.36 -18.54 -1.59
C ARG B 383 9.37 -17.50 -1.13
N ASN B 384 8.94 -16.54 -0.29
CA ASN B 384 9.86 -15.58 0.31
C ASN B 384 10.47 -16.11 1.60
N LEU B 385 9.68 -16.86 2.39
CA LEU B 385 10.21 -17.45 3.61
C LEU B 385 11.21 -18.57 3.34
N ALA B 386 11.17 -19.18 2.16
CA ALA B 386 12.03 -20.30 1.83
C ALA B 386 13.34 -19.88 1.20
N LEU B 387 13.60 -18.57 1.07
CA LEU B 387 14.89 -18.13 0.54
C LEU B 387 16.03 -18.42 1.51
N CYS B 388 15.89 -17.95 2.74
CA CYS B 388 16.86 -18.25 3.78
C CYS B 388 16.82 -19.74 4.09
N PRO B 389 17.88 -20.50 3.81
CA PRO B 389 17.78 -21.98 3.93
C PRO B 389 17.51 -22.48 5.34
N ALA B 390 17.59 -21.62 6.36
CA ALA B 390 17.26 -22.04 7.71
C ALA B 390 15.78 -22.31 7.91
N ASN B 391 14.95 -22.07 6.89
CA ASN B 391 13.51 -22.31 6.95
C ASN B 391 13.08 -23.49 6.11
N HIS B 392 14.02 -24.24 5.52
CA HIS B 392 13.66 -25.39 4.71
C HIS B 392 13.11 -26.52 5.58
N ALA B 393 13.79 -26.84 6.67
CA ALA B 393 13.34 -27.92 7.55
C ALA B 393 12.03 -27.60 8.26
N PRO B 394 11.84 -26.42 8.87
CA PRO B 394 10.57 -26.18 9.58
C PRO B 394 9.35 -26.21 8.68
N LEU B 395 9.47 -25.73 7.43
CA LEU B 395 8.32 -25.77 6.52
C LEU B 395 7.93 -27.21 6.21
N ARG B 396 8.90 -28.08 5.94
CA ARG B 396 8.61 -29.49 5.71
C ARG B 396 8.02 -30.14 6.96
N GLU B 397 8.45 -29.70 8.15
CA GLU B 397 7.94 -30.28 9.38
C GLU B 397 6.48 -29.92 9.63
N GLN B 398 6.08 -28.71 9.24
CA GLN B 398 4.71 -28.25 9.44
C GLN B 398 3.76 -28.72 8.34
N GLY B 399 4.21 -29.56 7.42
CA GLY B 399 3.36 -30.06 6.37
C GLY B 399 3.08 -29.03 5.29
N ALA B 400 4.13 -28.41 4.75
CA ALA B 400 3.95 -27.40 3.73
C ALA B 400 3.85 -28.01 2.34
N ILE B 401 4.70 -29.00 2.05
CA ILE B 401 4.71 -29.66 0.75
C ILE B 401 3.38 -30.36 0.49
N PRO B 402 2.89 -31.25 1.36
CA PRO B 402 1.63 -31.95 1.03
C PRO B 402 0.42 -31.04 0.99
N ARG B 403 0.48 -29.86 1.61
CA ARG B 403 -0.61 -28.91 1.54
C ARG B 403 -0.50 -27.98 0.35
N LEU B 404 0.73 -27.57 0.01
CA LEU B 404 0.94 -26.76 -1.19
C LEU B 404 0.59 -27.54 -2.45
N VAL B 405 0.77 -28.86 -2.42
CA VAL B 405 0.37 -29.70 -3.55
C VAL B 405 -1.16 -29.76 -3.65
N GLN B 406 -1.83 -29.89 -2.50
CA GLN B 406 -3.30 -29.93 -2.49
C GLN B 406 -3.89 -28.69 -3.14
N LEU B 407 -3.45 -27.51 -2.70
CA LEU B 407 -3.95 -26.27 -3.29
C LEU B 407 -3.57 -26.16 -4.76
N LEU B 408 -2.41 -26.70 -5.14
CA LEU B 408 -2.02 -26.71 -6.55
C LEU B 408 -2.88 -27.67 -7.36
N VAL B 409 -3.32 -28.78 -6.76
CA VAL B 409 -4.12 -29.76 -7.48
C VAL B 409 -5.47 -29.18 -7.87
N ARG B 410 -6.19 -28.63 -6.88
CA ARG B 410 -7.51 -28.07 -7.17
C ARG B 410 -7.42 -26.89 -8.14
N ALA B 411 -6.42 -26.03 -7.95
CA ALA B 411 -6.26 -24.86 -8.82
C ALA B 411 -6.15 -25.28 -10.29
N HIS B 412 -5.46 -26.39 -10.55
CA HIS B 412 -5.43 -26.93 -11.91
C HIS B 412 -6.74 -27.65 -12.24
N GLN B 413 -7.22 -28.47 -11.32
CA GLN B 413 -8.50 -29.18 -11.51
C GLN B 413 -9.70 -28.28 -11.29
N ASP B 414 -9.60 -27.02 -11.68
CA ASP B 414 -10.72 -26.08 -11.61
C ASP B 414 -10.62 -25.11 -12.78
N THR B 415 -9.40 -24.70 -13.13
CA THR B 415 -9.19 -23.98 -14.38
C THR B 415 -9.15 -24.90 -15.58
N GLN B 416 -9.07 -26.22 -15.36
CA GLN B 416 -9.24 -27.20 -16.41
C GLN B 416 -10.69 -27.34 -16.85
N ARG B 417 -11.60 -26.58 -16.24
CA ARG B 417 -12.99 -26.54 -16.68
C ARG B 417 -13.15 -25.58 -17.84
N ARG B 418 -12.24 -25.68 -18.83
CA ARG B 418 -12.34 -24.94 -20.08
C ARG B 418 -13.48 -25.45 -20.95
N THR B 419 -14.17 -26.50 -20.52
CA THR B 419 -15.23 -27.16 -21.27
C THR B 419 -16.54 -26.36 -21.24
N SER B 420 -16.59 -25.24 -20.54
CA SER B 420 -17.82 -24.47 -20.35
C SER B 420 -18.30 -23.82 -21.65
N MET B 421 -19.06 -22.73 -21.51
CA MET B 421 -19.75 -22.13 -22.65
C MET B 421 -18.78 -21.75 -23.75
N GLY B 422 -19.28 -21.73 -24.99
CA GLY B 422 -18.49 -21.52 -26.18
C GLY B 422 -17.56 -20.33 -26.12
N GLY B 423 -16.42 -20.51 -25.45
CA GLY B 423 -15.48 -19.44 -25.23
C GLY B 423 -14.89 -19.51 -23.84
N THR B 424 -15.40 -20.45 -23.04
CA THR B 424 -14.92 -20.75 -21.69
C THR B 424 -15.07 -19.55 -20.78
N GLN B 425 -16.09 -19.58 -19.92
CA GLN B 425 -16.29 -18.51 -18.96
C GLN B 425 -15.27 -18.60 -17.84
N GLN B 426 -14.55 -17.51 -17.62
CA GLN B 426 -13.61 -17.40 -16.49
C GLN B 426 -14.27 -16.55 -15.42
N GLN B 427 -14.24 -17.04 -14.18
CA GLN B 427 -15.10 -16.53 -13.12
C GLN B 427 -14.27 -16.02 -11.95
N PHE B 428 -14.36 -14.71 -11.69
CA PHE B 428 -13.75 -14.10 -10.53
C PHE B 428 -14.69 -14.14 -9.33
N VAL B 429 -15.34 -13.00 -9.04
CA VAL B 429 -16.23 -12.82 -7.90
C VAL B 429 -15.48 -13.06 -6.59
N GLU B 430 -14.98 -14.28 -6.40
CA GLU B 430 -14.19 -14.58 -5.21
C GLU B 430 -12.95 -13.71 -5.11
N GLY B 431 -12.46 -13.18 -6.23
CA GLY B 431 -11.35 -12.26 -6.24
C GLY B 431 -10.03 -12.85 -6.71
N VAL B 432 -9.94 -14.17 -6.83
CA VAL B 432 -8.70 -14.84 -7.20
C VAL B 432 -8.86 -15.42 -8.60
N ARG B 433 -7.98 -15.00 -9.51
CA ARG B 433 -7.89 -15.63 -10.82
C ARG B 433 -7.11 -16.94 -10.66
N MET B 434 -7.78 -18.06 -10.89
CA MET B 434 -7.25 -19.36 -10.48
C MET B 434 -5.95 -19.71 -11.19
N GLU B 435 -5.53 -18.97 -12.21
CA GLU B 435 -4.19 -19.14 -12.75
C GLU B 435 -3.12 -18.53 -11.85
N GLU B 436 -3.51 -17.78 -10.81
CA GLU B 436 -2.54 -17.18 -9.92
C GLU B 436 -2.08 -18.14 -8.84
N ILE B 437 -2.96 -19.04 -8.38
CA ILE B 437 -2.56 -20.02 -7.39
C ILE B 437 -1.57 -21.01 -7.98
N VAL B 438 -1.74 -21.36 -9.25
CA VAL B 438 -0.76 -22.20 -9.93
C VAL B 438 0.52 -21.42 -10.18
N GLU B 439 0.40 -20.12 -10.45
CA GLU B 439 1.56 -19.27 -10.68
C GLU B 439 2.39 -19.09 -9.42
N GLY B 440 1.79 -19.26 -8.24
CA GLY B 440 2.51 -19.08 -6.99
C GLY B 440 2.95 -20.37 -6.35
N CYS B 441 2.08 -21.39 -6.35
CA CYS B 441 2.42 -22.67 -5.72
C CYS B 441 3.61 -23.32 -6.41
N THR B 442 3.52 -23.50 -7.74
CA THR B 442 4.66 -23.99 -8.49
C THR B 442 5.81 -23.00 -8.51
N GLY B 443 5.60 -21.78 -8.05
CA GLY B 443 6.68 -20.83 -7.87
C GLY B 443 7.30 -20.95 -6.50
N ALA B 444 6.50 -21.38 -5.52
CA ALA B 444 7.03 -21.62 -4.18
C ALA B 444 7.79 -22.95 -4.13
N LEU B 445 7.21 -24.01 -4.71
CA LEU B 445 7.89 -25.30 -4.73
C LEU B 445 9.21 -25.22 -5.47
N HIS B 446 9.37 -24.26 -6.37
CA HIS B 446 10.63 -24.09 -7.08
C HIS B 446 11.75 -23.68 -6.13
N ILE B 447 11.41 -23.04 -5.02
CA ILE B 447 12.41 -22.66 -4.02
C ILE B 447 12.59 -23.76 -2.98
N LEU B 448 11.49 -24.37 -2.52
CA LEU B 448 11.59 -25.43 -1.53
C LEU B 448 12.29 -26.68 -2.08
N ALA B 449 12.33 -26.85 -3.40
CA ALA B 449 12.93 -28.02 -4.00
C ALA B 449 14.44 -27.89 -4.11
N ARG B 450 15.04 -27.06 -3.25
CA ARG B 450 16.49 -27.00 -3.14
C ARG B 450 17.02 -27.94 -2.07
N ASP B 451 16.32 -28.02 -0.94
CA ASP B 451 16.71 -28.97 0.11
C ASP B 451 16.34 -30.38 -0.33
N VAL B 452 17.31 -31.30 -0.25
CA VAL B 452 17.17 -32.62 -0.87
C VAL B 452 15.98 -33.38 -0.30
N HIS B 453 15.69 -33.21 0.99
CA HIS B 453 14.59 -33.95 1.59
C HIS B 453 13.25 -33.56 1.00
N ASN B 454 13.09 -32.30 0.59
CA ASN B 454 11.90 -31.89 -0.13
C ASN B 454 11.78 -32.60 -1.47
N ARG B 455 12.90 -32.73 -2.17
CA ARG B 455 12.92 -33.38 -3.48
C ARG B 455 12.54 -34.85 -3.41
N ILE B 456 12.54 -35.45 -2.23
CA ILE B 456 12.00 -36.79 -2.07
C ILE B 456 10.50 -36.74 -1.77
N VAL B 457 10.06 -35.72 -1.03
CA VAL B 457 8.63 -35.56 -0.77
C VAL B 457 7.90 -35.13 -2.04
N ILE B 458 8.39 -34.07 -2.69
CA ILE B 458 7.77 -33.59 -3.92
C ILE B 458 7.72 -34.70 -4.96
N ARG B 459 8.80 -35.47 -5.07
CA ARG B 459 8.79 -36.64 -5.95
C ARG B 459 7.80 -37.70 -5.45
N GLY B 460 7.84 -37.99 -4.16
CA GLY B 460 6.99 -39.03 -3.59
C GLY B 460 5.51 -38.74 -3.65
N LEU B 461 5.13 -37.48 -3.74
CA LEU B 461 3.72 -37.10 -3.82
C LEU B 461 3.14 -37.26 -5.22
N ASN B 462 3.90 -37.85 -6.16
CA ASN B 462 3.45 -38.10 -7.52
C ASN B 462 3.00 -36.79 -8.19
N THR B 463 3.99 -35.90 -8.36
CA THR B 463 3.75 -34.56 -8.87
C THR B 463 4.41 -34.28 -10.21
N ILE B 464 5.48 -35.00 -10.56
CA ILE B 464 6.18 -34.74 -11.83
C ILE B 464 5.26 -34.81 -13.05
N PRO B 465 4.42 -35.86 -13.22
CA PRO B 465 3.57 -35.90 -14.42
C PRO B 465 2.49 -34.84 -14.43
N LEU B 466 2.50 -33.94 -13.44
CA LEU B 466 1.58 -32.81 -13.40
C LEU B 466 2.25 -31.52 -13.84
N PHE B 467 3.53 -31.30 -13.48
CA PHE B 467 4.25 -30.14 -13.98
C PHE B 467 4.36 -30.17 -15.50
N VAL B 468 4.38 -31.36 -16.10
CA VAL B 468 4.54 -31.47 -17.54
C VAL B 468 3.29 -30.98 -18.27
N GLN B 469 2.10 -31.29 -17.73
CA GLN B 469 0.87 -30.78 -18.33
C GLN B 469 0.74 -29.26 -18.14
N LEU B 470 1.27 -28.74 -17.02
CA LEU B 470 1.36 -27.30 -16.85
C LEU B 470 2.28 -26.66 -17.90
N LEU B 471 3.25 -27.42 -18.40
CA LEU B 471 4.28 -26.89 -19.29
C LEU B 471 3.72 -26.49 -20.65
N TYR B 472 2.45 -26.74 -20.92
CA TYR B 472 1.78 -26.27 -22.13
C TYR B 472 0.98 -25.01 -21.91
N SER B 473 0.82 -24.57 -20.66
CA SER B 473 -0.02 -23.41 -20.37
C SER B 473 0.53 -22.17 -21.07
N PRO B 474 -0.29 -21.46 -21.85
CA PRO B 474 0.21 -20.27 -22.57
C PRO B 474 0.71 -19.16 -21.66
N ILE B 475 0.48 -19.25 -20.35
CA ILE B 475 1.01 -18.27 -19.42
C ILE B 475 2.53 -18.36 -19.40
N GLU B 476 3.19 -17.22 -19.53
CA GLU B 476 4.65 -17.17 -19.46
C GLU B 476 5.17 -17.13 -18.03
N ASN B 477 4.28 -17.11 -17.04
CA ASN B 477 4.67 -17.23 -15.65
C ASN B 477 4.48 -18.63 -15.10
N ILE B 478 3.69 -19.46 -15.78
CA ILE B 478 3.62 -20.88 -15.43
C ILE B 478 4.86 -21.62 -15.94
N GLN B 479 5.23 -21.37 -17.19
CA GLN B 479 6.42 -22.00 -17.76
C GLN B 479 7.68 -21.59 -17.00
N ARG B 480 7.72 -20.35 -16.52
CA ARG B 480 8.89 -19.87 -15.77
C ARG B 480 9.17 -20.76 -14.56
N VAL B 481 8.13 -21.09 -13.80
CA VAL B 481 8.33 -21.81 -12.56
C VAL B 481 8.17 -23.32 -12.74
N ALA B 482 7.32 -23.77 -13.66
CA ALA B 482 7.18 -25.20 -13.91
C ALA B 482 8.47 -25.77 -14.53
N ALA B 483 8.99 -25.11 -15.56
CA ALA B 483 10.27 -25.48 -16.14
C ALA B 483 11.45 -25.09 -15.27
N GLY B 484 11.20 -24.53 -14.08
CA GLY B 484 12.27 -24.23 -13.14
C GLY B 484 12.26 -25.19 -11.96
N VAL B 485 11.06 -25.49 -11.44
CA VAL B 485 10.95 -26.47 -10.37
C VAL B 485 11.38 -27.85 -10.84
N LEU B 486 11.28 -28.12 -12.15
CA LEU B 486 11.78 -29.37 -12.68
C LEU B 486 13.31 -29.36 -12.77
N CYS B 487 13.90 -28.18 -12.98
CA CYS B 487 15.36 -28.08 -12.96
C CYS B 487 15.90 -28.34 -11.57
N GLU B 488 15.19 -27.87 -10.54
CA GLU B 488 15.60 -28.16 -9.16
C GLU B 488 15.30 -29.60 -8.77
N LEU B 489 14.55 -30.34 -9.59
CA LEU B 489 14.38 -31.78 -9.40
C LEU B 489 15.31 -32.60 -10.27
N ALA B 490 15.95 -31.98 -11.26
CA ALA B 490 16.76 -32.70 -12.24
C ALA B 490 18.11 -33.17 -11.70
N GLN B 491 18.49 -32.77 -10.49
CA GLN B 491 19.74 -33.24 -9.92
C GLN B 491 19.74 -34.76 -9.78
N ASP B 492 18.78 -35.27 -8.99
CA ASP B 492 18.71 -36.70 -8.72
C ASP B 492 18.40 -37.47 -10.00
N LYS B 493 19.19 -38.50 -10.27
CA LYS B 493 18.87 -39.39 -11.39
C LYS B 493 17.59 -40.17 -11.11
N GLU B 494 17.29 -40.41 -9.83
CA GLU B 494 16.05 -41.10 -9.47
C GLU B 494 14.82 -40.34 -9.94
N ALA B 495 14.95 -39.04 -10.20
CA ALA B 495 13.87 -38.24 -10.75
C ALA B 495 14.12 -37.75 -12.17
N ALA B 496 15.37 -37.74 -12.62
CA ALA B 496 15.72 -37.22 -13.94
C ALA B 496 15.18 -38.09 -15.07
N GLU B 497 15.72 -39.31 -15.20
CA GLU B 497 15.32 -40.22 -16.26
C GLU B 497 13.88 -40.68 -16.08
N ALA B 498 13.26 -40.30 -14.96
CA ALA B 498 11.83 -40.51 -14.80
C ALA B 498 11.04 -39.38 -15.45
N ILE B 499 11.53 -38.14 -15.34
CA ILE B 499 10.93 -37.02 -16.06
C ILE B 499 11.00 -37.26 -17.57
N GLU B 500 12.12 -37.82 -18.03
CA GLU B 500 12.39 -38.01 -19.45
C GLU B 500 11.44 -39.02 -20.10
N ALA B 501 10.64 -39.73 -19.31
CA ALA B 501 9.64 -40.65 -19.86
C ALA B 501 8.28 -39.97 -19.98
N GLU B 502 7.76 -39.45 -18.87
CA GLU B 502 6.46 -38.82 -18.84
C GLU B 502 6.46 -37.46 -19.52
N GLY B 503 6.74 -37.44 -20.82
CA GLY B 503 6.79 -36.21 -21.58
C GLY B 503 8.11 -35.48 -21.45
N ALA B 504 8.06 -34.15 -21.44
CA ALA B 504 9.20 -33.27 -21.19
C ALA B 504 10.25 -33.32 -22.30
N THR B 505 10.35 -34.43 -23.04
CA THR B 505 11.34 -34.53 -24.10
C THR B 505 10.98 -33.63 -25.28
N ALA B 506 9.69 -33.52 -25.58
CA ALA B 506 9.24 -32.76 -26.75
C ALA B 506 8.69 -31.38 -26.40
N PRO B 507 7.83 -31.23 -25.40
CA PRO B 507 7.33 -29.88 -25.09
C PRO B 507 8.43 -28.90 -24.71
N LEU B 508 9.48 -29.38 -24.06
CA LEU B 508 10.61 -28.52 -23.72
C LEU B 508 11.51 -28.22 -24.91
N THR B 509 11.41 -29.01 -25.98
CA THR B 509 12.32 -28.86 -27.10
C THR B 509 12.20 -27.49 -27.76
N GLU B 510 11.00 -26.90 -27.77
CA GLU B 510 10.81 -25.58 -28.35
C GLU B 510 10.23 -24.59 -27.34
N LEU B 511 10.58 -24.75 -26.07
CA LEU B 511 10.56 -23.62 -25.15
C LEU B 511 11.85 -22.81 -25.24
N LEU B 512 12.83 -23.30 -26.00
CA LEU B 512 14.14 -22.69 -26.10
C LEU B 512 14.16 -21.63 -27.18
N HIS B 513 13.03 -20.95 -27.38
CA HIS B 513 12.96 -19.85 -28.33
C HIS B 513 11.85 -18.88 -27.93
N SER B 514 11.23 -19.12 -26.78
CA SER B 514 10.29 -18.15 -26.23
C SER B 514 11.02 -16.87 -25.85
N ARG B 515 10.26 -15.77 -25.79
CA ARG B 515 10.84 -14.44 -25.68
C ARG B 515 11.69 -14.24 -24.43
N ASN B 516 11.08 -14.29 -23.26
CA ASN B 516 11.80 -13.98 -22.02
C ASN B 516 12.98 -14.92 -21.82
N GLU B 517 14.15 -14.34 -21.56
CA GLU B 517 15.38 -15.11 -21.38
C GLU B 517 15.39 -15.91 -20.09
N GLY B 518 14.32 -15.84 -19.28
CA GLY B 518 14.16 -16.71 -18.14
C GLY B 518 13.51 -18.04 -18.45
N VAL B 519 13.05 -18.22 -19.69
CA VAL B 519 12.49 -19.49 -20.13
C VAL B 519 13.31 -20.13 -21.24
N ALA B 520 14.09 -19.36 -22.01
CA ALA B 520 15.09 -19.97 -22.88
C ALA B 520 16.16 -20.69 -22.08
N THR B 521 16.46 -20.19 -20.87
CA THR B 521 17.20 -20.97 -19.88
C THR B 521 16.21 -21.83 -19.12
N TYR B 522 16.58 -22.34 -17.94
CA TYR B 522 15.71 -23.22 -17.18
C TYR B 522 15.22 -24.40 -18.01
N ALA B 523 14.36 -24.11 -19.00
CA ALA B 523 13.90 -25.13 -19.93
C ALA B 523 15.07 -25.78 -20.67
N ALA B 524 16.17 -25.05 -20.84
CA ALA B 524 17.40 -25.64 -21.34
C ALA B 524 18.23 -26.27 -20.22
N ALA B 525 18.02 -25.86 -18.98
CA ALA B 525 18.73 -26.47 -17.86
C ALA B 525 18.17 -27.84 -17.50
N VAL B 526 16.89 -28.08 -17.80
CA VAL B 526 16.32 -29.40 -17.60
C VAL B 526 16.92 -30.40 -18.59
N LEU B 527 16.96 -30.02 -19.87
CA LEU B 527 17.54 -30.87 -20.90
C LEU B 527 19.03 -31.10 -20.72
N PHE B 528 19.69 -30.32 -19.86
CA PHE B 528 21.14 -30.47 -19.69
C PHE B 528 21.49 -31.83 -19.13
N ARG B 529 20.69 -32.34 -18.19
CA ARG B 529 21.07 -33.53 -17.44
C ARG B 529 20.39 -34.80 -17.93
N MET B 530 19.22 -34.69 -18.57
CA MET B 530 18.39 -35.85 -18.87
C MET B 530 19.04 -36.83 -19.84
N SER B 531 18.63 -36.77 -21.11
CA SER B 531 19.00 -37.80 -22.07
C SER B 531 20.39 -37.59 -22.66
N GLU B 532 21.32 -37.26 -21.78
CA GLU B 532 22.68 -36.99 -22.18
C GLU B 532 23.45 -38.24 -22.46
N ASP B 533 24.29 -38.61 -21.53
CA ASP B 533 25.07 -39.79 -21.77
C ASP B 533 24.17 -40.99 -21.58
N GLU C 9 23.09 -6.77 -2.77
CA GLU C 9 23.69 -7.97 -3.33
C GLU C 9 24.33 -8.84 -2.25
N THR C 10 25.35 -9.60 -2.60
CA THR C 10 25.95 -10.57 -1.68
C THR C 10 27.46 -10.51 -1.79
N LEU C 11 28.13 -10.33 -0.65
CA LEU C 11 29.58 -10.35 -0.55
C LEU C 11 30.01 -11.45 0.42
N VAL C 12 31.03 -12.21 0.04
CA VAL C 12 31.61 -13.23 0.89
C VAL C 12 33.13 -13.06 0.91
N ARG C 13 33.73 -13.41 2.04
CA ARG C 13 35.19 -13.40 2.17
C ARG C 13 35.68 -14.83 2.28
N PRO C 14 36.35 -15.37 1.26
CA PRO C 14 36.74 -16.78 1.29
C PRO C 14 37.79 -17.07 2.35
N LYS C 15 37.90 -18.35 2.68
CA LYS C 15 38.99 -18.81 3.53
C LYS C 15 40.25 -18.99 2.68
N PRO C 16 41.43 -18.68 3.23
CA PRO C 16 42.64 -18.63 2.39
C PRO C 16 42.98 -19.97 1.74
N LEU C 17 42.49 -21.08 2.27
CA LEU C 17 42.69 -22.37 1.59
C LEU C 17 41.95 -22.43 0.26
N LEU C 18 40.94 -21.57 0.07
CA LEU C 18 40.30 -21.39 -1.23
C LEU C 18 40.99 -20.32 -2.06
N LEU C 19 41.40 -19.22 -1.42
CA LEU C 19 41.97 -18.07 -2.13
C LEU C 19 43.10 -18.48 -3.06
N LYS C 20 43.87 -19.51 -2.70
CA LYS C 20 44.94 -20.00 -3.55
C LYS C 20 44.44 -20.31 -4.96
N LEU C 21 43.21 -20.83 -5.05
CA LEU C 21 42.63 -21.12 -6.36
C LEU C 21 42.39 -19.83 -7.15
N LEU C 22 41.74 -18.85 -6.53
CA LEU C 22 41.46 -17.60 -7.23
C LEU C 22 42.75 -16.82 -7.50
N LYS C 23 43.66 -16.81 -6.53
CA LYS C 23 44.95 -16.14 -6.71
C LYS C 23 45.82 -16.77 -7.79
N SER C 24 45.40 -17.90 -8.37
CA SER C 24 46.14 -18.55 -9.44
C SER C 24 45.70 -18.07 -10.83
N VAL C 25 44.44 -17.69 -10.99
CA VAL C 25 43.94 -17.23 -12.28
C VAL C 25 44.09 -15.73 -12.49
N GLY C 26 44.39 -14.98 -11.45
CA GLY C 26 44.61 -13.54 -11.60
C GLY C 26 43.76 -12.69 -10.68
N ALA C 27 43.18 -13.29 -9.64
CA ALA C 27 42.37 -12.54 -8.70
C ALA C 27 43.25 -11.58 -7.89
N GLN C 28 42.65 -10.45 -7.50
CA GLN C 28 43.41 -9.40 -6.82
C GLN C 28 42.75 -8.96 -5.52
N LYS C 29 41.43 -9.06 -5.44
CA LYS C 29 40.73 -8.65 -4.24
C LYS C 29 40.82 -9.73 -3.17
N ASP C 30 40.33 -9.41 -1.96
CA ASP C 30 40.25 -10.37 -0.88
C ASP C 30 38.82 -10.80 -0.57
N THR C 31 37.83 -10.05 -1.02
CA THR C 31 36.42 -10.46 -0.94
C THR C 31 35.83 -10.45 -2.34
N TYR C 32 34.82 -11.29 -2.55
CA TYR C 32 34.26 -11.47 -3.89
C TYR C 32 32.77 -11.72 -3.80
N THR C 33 32.05 -11.28 -4.83
CA THR C 33 30.68 -11.72 -5.01
C THR C 33 30.65 -13.16 -5.50
N MET C 34 29.53 -13.83 -5.27
CA MET C 34 29.40 -15.22 -5.68
C MET C 34 29.46 -15.36 -7.20
N LYS C 35 29.08 -14.32 -7.94
CA LYS C 35 29.27 -14.33 -9.38
C LYS C 35 30.75 -14.40 -9.73
N GLU C 36 31.59 -13.70 -8.97
CA GLU C 36 33.02 -13.66 -9.25
C GLU C 36 33.69 -14.98 -8.87
N VAL C 37 33.31 -15.55 -7.73
CA VAL C 37 33.90 -16.81 -7.29
C VAL C 37 33.56 -17.93 -8.28
N LEU C 38 32.30 -17.99 -8.71
CA LEU C 38 31.90 -18.97 -9.72
C LEU C 38 32.52 -18.68 -11.08
N PHE C 39 33.08 -17.48 -11.27
CA PHE C 39 33.78 -17.13 -12.51
C PHE C 39 35.24 -17.55 -12.46
N TYR C 40 35.97 -17.12 -11.44
CA TYR C 40 37.38 -17.49 -11.32
C TYR C 40 37.55 -18.99 -11.19
N LEU C 41 36.58 -19.68 -10.58
CA LEU C 41 36.67 -21.12 -10.46
C LEU C 41 36.39 -21.82 -11.79
N GLY C 42 35.44 -21.29 -12.55
CA GLY C 42 35.18 -21.83 -13.88
C GLY C 42 36.34 -21.61 -14.83
N GLN C 43 37.11 -20.55 -14.63
CA GLN C 43 38.30 -20.33 -15.43
C GLN C 43 39.41 -21.30 -15.06
N TYR C 44 39.46 -21.73 -13.79
CA TYR C 44 40.49 -22.68 -13.36
C TYR C 44 40.27 -24.04 -14.01
N ILE C 45 39.04 -24.55 -13.96
CA ILE C 45 38.75 -25.85 -14.55
C ILE C 45 38.98 -25.81 -16.05
N MET C 46 38.65 -24.69 -16.69
CA MET C 46 38.88 -24.56 -18.13
C MET C 46 40.37 -24.47 -18.46
N THR C 47 41.13 -23.73 -17.65
CA THR C 47 42.55 -23.57 -17.91
C THR C 47 43.32 -24.85 -17.60
N LYS C 48 43.19 -25.35 -16.38
CA LYS C 48 43.88 -26.56 -15.98
C LYS C 48 43.32 -27.81 -16.65
N ARG C 49 42.23 -27.69 -17.41
CA ARG C 49 41.60 -28.80 -18.10
C ARG C 49 41.22 -29.92 -17.14
N LEU C 50 40.05 -29.79 -16.50
CA LEU C 50 39.56 -30.80 -15.58
C LEU C 50 38.30 -31.51 -16.09
N TYR C 51 37.61 -30.95 -17.08
CA TYR C 51 36.45 -31.61 -17.65
C TYR C 51 36.87 -32.81 -18.48
N ASP C 52 35.93 -33.72 -18.69
CA ASP C 52 36.13 -34.88 -19.56
C ASP C 52 35.59 -34.52 -20.94
N GLU C 53 36.50 -34.20 -21.86
CA GLU C 53 36.10 -33.65 -23.16
C GLU C 53 35.29 -34.64 -23.99
N LYS C 54 35.11 -35.88 -23.54
CA LYS C 54 34.18 -36.80 -24.18
C LYS C 54 32.77 -36.26 -24.03
N GLN C 55 32.15 -36.51 -22.88
CA GLN C 55 30.92 -35.84 -22.46
C GLN C 55 31.30 -34.89 -21.33
N GLN C 56 31.11 -33.59 -21.57
CA GLN C 56 31.83 -32.56 -20.83
C GLN C 56 31.09 -32.06 -19.58
N HIS C 57 30.09 -32.79 -19.09
CA HIS C 57 29.38 -32.33 -17.90
C HIS C 57 29.94 -32.94 -16.62
N ILE C 58 31.19 -33.43 -16.65
CA ILE C 58 31.84 -34.04 -15.50
C ILE C 58 33.18 -33.35 -15.29
N VAL C 59 33.52 -33.11 -14.03
CA VAL C 59 34.76 -32.44 -13.65
C VAL C 59 35.58 -33.38 -12.78
N TYR C 60 36.86 -33.56 -13.15
CA TYR C 60 37.78 -34.39 -12.39
C TYR C 60 38.68 -33.52 -11.51
N CYS C 61 39.03 -34.06 -10.35
CA CYS C 61 39.91 -33.37 -9.41
C CYS C 61 40.47 -34.37 -8.40
N SER C 62 41.11 -35.43 -8.90
CA SER C 62 41.63 -36.47 -8.01
C SER C 62 42.70 -35.92 -7.09
N ASN C 63 43.81 -35.46 -7.66
CA ASN C 63 44.90 -34.90 -6.87
C ASN C 63 45.15 -33.44 -7.23
N ASP C 64 44.11 -32.61 -7.10
CA ASP C 64 44.19 -31.21 -7.44
C ASP C 64 43.64 -30.40 -6.26
N LEU C 65 43.71 -29.07 -6.38
CA LEU C 65 43.28 -28.20 -5.29
C LEU C 65 41.79 -28.36 -5.02
N LEU C 66 40.98 -28.50 -6.07
CA LEU C 66 39.56 -28.76 -5.88
C LEU C 66 39.34 -30.06 -5.12
N GLY C 67 40.18 -31.07 -5.39
CA GLY C 67 40.09 -32.34 -4.66
C GLY C 67 40.44 -32.23 -3.19
N ASP C 68 40.94 -31.08 -2.76
CA ASP C 68 41.19 -30.80 -1.35
C ASP C 68 40.16 -29.84 -0.75
N LEU C 69 39.79 -28.80 -1.49
CA LEU C 69 38.74 -27.89 -1.03
C LEU C 69 37.40 -28.59 -0.95
N PHE C 70 36.99 -29.23 -2.04
CA PHE C 70 35.65 -29.81 -2.12
C PHE C 70 35.56 -31.07 -1.27
N GLY C 71 36.40 -32.06 -1.58
CA GLY C 71 36.42 -33.32 -0.87
C GLY C 71 36.02 -34.52 -1.71
N VAL C 72 35.35 -34.29 -2.83
CA VAL C 72 34.89 -35.35 -3.71
C VAL C 72 35.84 -35.45 -4.90
N PRO C 73 36.32 -36.64 -5.26
CA PRO C 73 37.26 -36.75 -6.39
C PRO C 73 36.67 -36.37 -7.73
N SER C 74 35.35 -36.56 -7.91
CA SER C 74 34.73 -36.27 -9.21
C SER C 74 33.28 -35.88 -8.98
N PHE C 75 32.95 -34.64 -9.33
CA PHE C 75 31.60 -34.12 -9.22
C PHE C 75 31.10 -33.69 -10.60
N SER C 76 29.77 -33.68 -10.75
CA SER C 76 29.16 -33.32 -12.01
C SER C 76 29.05 -31.80 -12.14
N VAL C 77 28.71 -31.35 -13.34
CA VAL C 77 28.57 -29.91 -13.59
C VAL C 77 27.29 -29.39 -12.98
N LYS C 78 26.15 -29.98 -13.33
CA LYS C 78 24.86 -29.57 -12.77
C LYS C 78 24.41 -30.59 -11.74
N GLU C 79 25.00 -30.49 -10.56
CA GLU C 79 24.43 -31.02 -9.33
C GLU C 79 24.01 -29.89 -8.40
N HIS C 80 24.16 -28.67 -8.85
CA HIS C 80 23.73 -27.53 -8.10
C HIS C 80 24.07 -27.54 -6.67
N ARG C 81 23.06 -27.66 -5.81
CA ARG C 81 23.20 -27.59 -4.37
C ARG C 81 24.47 -28.08 -3.70
N LYS C 82 24.97 -29.25 -4.09
CA LYS C 82 26.19 -29.70 -3.51
C LYS C 82 27.25 -28.70 -3.90
N ILE C 83 27.35 -28.32 -5.17
CA ILE C 83 28.36 -27.36 -5.57
C ILE C 83 28.20 -26.07 -4.85
N TYR C 84 26.95 -25.63 -4.75
CA TYR C 84 26.63 -24.40 -4.03
C TYR C 84 27.03 -24.53 -2.56
N THR C 85 26.85 -25.71 -1.97
CA THR C 85 27.20 -25.87 -0.58
C THR C 85 28.62 -26.27 -0.41
N MET C 86 29.26 -26.74 -1.48
CA MET C 86 30.66 -27.13 -1.39
C MET C 86 31.50 -25.91 -1.41
N ILE C 87 31.01 -24.88 -2.06
CA ILE C 87 31.69 -23.64 -2.07
C ILE C 87 31.34 -22.90 -0.83
N TYR C 88 30.22 -23.20 -0.19
CA TYR C 88 29.84 -22.47 0.98
C TYR C 88 30.42 -22.93 2.29
N ARG C 89 31.55 -23.62 2.29
CA ARG C 89 32.15 -23.99 3.54
C ARG C 89 33.53 -23.45 3.61
N ASN C 90 34.08 -22.96 2.53
CA ASN C 90 35.39 -22.37 2.63
C ASN C 90 35.34 -20.87 2.71
N LEU C 91 34.12 -20.36 2.87
CA LEU C 91 33.94 -18.95 3.02
C LEU C 91 33.19 -18.61 4.23
N VAL C 92 33.39 -17.38 4.59
CA VAL C 92 32.70 -16.74 5.71
C VAL C 92 32.04 -15.48 5.17
N VAL C 93 30.72 -15.41 5.30
CA VAL C 93 29.94 -14.37 4.64
C VAL C 93 30.05 -13.07 5.42
N VAL C 94 30.07 -11.95 4.71
CA VAL C 94 30.10 -10.64 5.33
C VAL C 94 29.08 -9.72 4.65
#